data_6TLF
#
_entry.id   6TLF
#
_cell.length_a   63.294
_cell.length_b   100.896
_cell.length_c   157.017
_cell.angle_alpha   90.000
_cell.angle_beta   90.000
_cell.angle_gamma   90.000
#
_symmetry.space_group_name_H-M   'I 21 21 21'
#
loop_
_entity.id
_entity.type
_entity.pdbx_description
1 polymer '14-3-3 protein sigma'
2 non-polymer 'INOSINIC ACID'
3 non-polymer 'SULFATE ION'
4 water water
#
_entity_poly.entity_id   1
_entity_poly.type   'polypeptide(L)'
_entity_poly.pdbx_seq_one_letter_code
;MSYYHHHHHHDYDIPTTENLYFQGAMGSMERASLIQKAKLAEQAERYEDMAAFMKGAVEKGEELSCEERNLLSVAYKNVV
GGQRAAWRVLSSIEQKSNEEGSEEKGPEVREYREKVETELQGVCDTVLGLLDSHLIKEAGDAESRVFYLKMKGDYYRYLA
EVATGDDKKRIIDSARSAYQEAMDISKKEMPPTNPIRLGLALNFSVFHYEIANSPEEAISLAKTTFDEAMADLHTLSEDS
YKDSTLIMQLLRDNLTLWTADNAGEEGGEAPQEPQS
;
_entity_poly.pdbx_strand_id   A
#
# COMPACT_ATOMS: atom_id res chain seq x y z
N GLY A 24 -23.49 3.30 -7.32
CA GLY A 24 -23.29 4.39 -6.33
C GLY A 24 -23.08 5.74 -7.04
N ALA A 25 -22.14 6.56 -6.55
CA ALA A 25 -22.23 7.97 -6.95
C ALA A 25 -21.80 8.20 -8.40
N MET A 26 -21.19 7.18 -9.01
CA MET A 26 -20.61 7.26 -10.34
C MET A 26 -21.28 6.17 -11.19
N GLY A 27 -22.24 5.48 -10.60
CA GLY A 27 -22.92 4.39 -11.29
C GLY A 27 -23.38 4.76 -12.71
N SER A 28 -23.82 6.01 -12.89
CA SER A 28 -24.47 6.44 -14.10
C SER A 28 -23.45 6.89 -15.14
N MET A 29 -22.17 6.83 -14.80
CA MET A 29 -21.18 7.42 -15.67
C MET A 29 -20.45 6.34 -16.47
N GLU A 30 -20.17 6.62 -17.74
CA GLU A 30 -19.46 5.70 -18.62
C GLU A 30 -18.03 5.44 -18.09
N ARG A 31 -17.63 4.19 -18.11
CA ARG A 31 -16.31 3.74 -17.60
C ARG A 31 -15.20 4.57 -18.24
N ALA A 32 -15.29 4.87 -19.53
CA ALA A 32 -14.16 5.59 -20.10
C ALA A 32 -14.15 7.05 -19.63
N SER A 33 -15.33 7.55 -19.26
CA SER A 33 -15.36 8.93 -18.82
C SER A 33 -14.74 9.00 -17.42
N LEU A 34 -15.14 8.03 -16.56
CA LEU A 34 -14.55 7.91 -15.24
C LEU A 34 -13.03 7.96 -15.40
N ILE A 35 -12.49 7.06 -16.23
CA ILE A 35 -11.06 7.07 -16.47
C ILE A 35 -10.52 8.43 -16.96
N GLN A 36 -11.25 9.16 -17.83
CA GLN A 36 -10.65 10.40 -18.32
C GLN A 36 -10.60 11.43 -17.20
N LYS A 37 -11.66 11.43 -16.40
CA LYS A 37 -11.79 12.32 -15.26
C LYS A 37 -10.78 11.98 -14.14
N ALA A 38 -10.48 10.69 -13.91
CA ALA A 38 -9.37 10.38 -13.00
C ALA A 38 -8.17 11.23 -13.43
N LYS A 39 -7.83 11.12 -14.73
CA LYS A 39 -6.65 11.78 -15.25
C LYS A 39 -6.75 13.30 -15.10
N LEU A 40 -7.95 13.85 -15.30
CA LEU A 40 -8.09 15.29 -15.06
C LEU A 40 -7.79 15.65 -13.60
N ALA A 41 -8.37 14.85 -12.69
CA ALA A 41 -8.15 14.96 -11.25
C ALA A 41 -6.66 15.00 -10.95
N GLU A 42 -5.92 14.02 -11.49
CA GLU A 42 -4.49 13.94 -11.27
C GLU A 42 -3.83 15.25 -11.69
N GLN A 43 -4.14 15.73 -12.89
CA GLN A 43 -3.58 17.01 -13.28
C GLN A 43 -3.95 18.10 -12.30
N ALA A 44 -5.15 18.06 -11.74
CA ALA A 44 -5.56 19.21 -10.89
C ALA A 44 -5.08 19.07 -9.46
N GLU A 45 -4.53 17.90 -9.12
CA GLU A 45 -4.04 17.50 -7.78
C GLU A 45 -5.22 17.38 -6.82
N ARG A 46 -6.24 16.62 -7.23
CA ARG A 46 -7.45 16.35 -6.42
C ARG A 46 -7.54 14.84 -6.26
N TYR A 47 -6.80 14.31 -5.31
CA TYR A 47 -6.71 12.85 -5.10
C TYR A 47 -8.03 12.29 -4.57
N GLU A 48 -8.77 13.04 -3.75
CA GLU A 48 -10.08 12.57 -3.36
C GLU A 48 -10.90 12.27 -4.62
N ASP A 49 -11.04 13.30 -5.47
CA ASP A 49 -11.73 13.14 -6.74
C ASP A 49 -11.17 11.91 -7.45
N MET A 50 -9.88 11.98 -7.79
CA MET A 50 -9.23 10.89 -8.51
C MET A 50 -9.57 9.52 -7.91
N ALA A 51 -9.57 9.38 -6.58
CA ALA A 51 -9.86 8.07 -6.02
C ALA A 51 -11.33 7.70 -6.25
N ALA A 52 -12.23 8.69 -6.12
CA ALA A 52 -13.66 8.49 -6.28
C ALA A 52 -13.95 7.98 -7.70
N PHE A 53 -13.32 8.62 -8.70
CA PHE A 53 -13.51 8.25 -10.09
C PHE A 53 -13.04 6.82 -10.35
N MET A 54 -11.83 6.51 -9.85
CA MET A 54 -11.27 5.18 -10.01
C MET A 54 -12.11 4.09 -9.32
N LYS A 55 -12.49 4.29 -8.03
CA LYS A 55 -13.39 3.35 -7.38
C LYS A 55 -14.57 3.12 -8.32
N GLY A 56 -14.89 4.18 -9.11
CA GLY A 56 -16.01 4.20 -10.03
C GLY A 56 -15.80 3.20 -11.16
N ALA A 57 -14.72 3.43 -11.94
CA ALA A 57 -14.33 2.50 -13.00
C ALA A 57 -14.19 1.07 -12.44
N VAL A 58 -13.51 0.90 -11.31
CA VAL A 58 -13.26 -0.46 -10.84
C VAL A 58 -14.61 -1.12 -10.65
N GLU A 59 -15.56 -0.34 -10.13
CA GLU A 59 -16.83 -0.91 -9.77
C GLU A 59 -17.57 -1.37 -11.03
N LYS A 60 -16.99 -1.18 -12.22
CA LYS A 60 -17.72 -1.55 -13.44
C LYS A 60 -17.72 -3.07 -13.62
N GLY A 61 -16.60 -3.71 -13.28
CA GLY A 61 -16.46 -5.15 -13.44
C GLY A 61 -15.48 -5.53 -14.55
N GLU A 62 -14.87 -4.53 -15.20
CA GLU A 62 -13.85 -4.82 -16.18
C GLU A 62 -12.48 -4.81 -15.50
N GLU A 63 -11.71 -5.90 -15.72
CA GLU A 63 -10.30 -6.02 -15.38
C GLU A 63 -9.52 -4.76 -15.78
N LEU A 64 -8.63 -4.27 -14.92
CA LEU A 64 -7.92 -3.04 -15.24
C LEU A 64 -6.64 -3.31 -16.01
N SER A 65 -6.36 -2.42 -16.97
CA SER A 65 -5.09 -2.42 -17.64
C SER A 65 -4.01 -1.96 -16.67
N CYS A 66 -2.74 -2.15 -17.02
CA CYS A 66 -1.60 -1.65 -16.28
C CYS A 66 -1.74 -0.14 -16.05
N GLU A 67 -2.09 0.62 -17.10
CA GLU A 67 -2.08 2.07 -16.96
C GLU A 67 -3.17 2.56 -15.99
N GLU A 68 -4.31 1.84 -15.93
CA GLU A 68 -5.44 2.13 -15.06
C GLU A 68 -5.02 1.90 -13.60
N ARG A 69 -4.53 0.68 -13.32
CA ARG A 69 -4.00 0.29 -12.02
C ARG A 69 -3.03 1.32 -11.46
N ASN A 70 -2.29 2.00 -12.33
CA ASN A 70 -1.38 2.97 -11.77
C ASN A 70 -2.15 4.18 -11.28
N LEU A 71 -3.32 4.42 -11.89
CA LEU A 71 -4.16 5.53 -11.49
C LEU A 71 -4.82 5.19 -10.16
N LEU A 72 -5.28 3.94 -10.04
CA LEU A 72 -5.86 3.43 -8.79
C LEU A 72 -4.90 3.69 -7.63
N SER A 73 -3.77 3.00 -7.64
CA SER A 73 -2.81 3.06 -6.55
C SER A 73 -2.39 4.51 -6.28
N VAL A 74 -2.20 5.30 -7.33
CA VAL A 74 -1.57 6.60 -7.14
C VAL A 74 -2.49 7.48 -6.31
N ALA A 75 -3.78 7.32 -6.61
CA ALA A 75 -4.84 8.15 -6.08
C ALA A 75 -5.06 7.76 -4.63
N TYR A 76 -5.31 6.46 -4.42
CA TYR A 76 -5.42 5.94 -3.07
C TYR A 76 -4.22 6.30 -2.20
N LYS A 77 -3.02 6.16 -2.75
CA LYS A 77 -1.78 6.41 -2.03
C LYS A 77 -1.74 7.88 -1.60
N ASN A 78 -2.07 8.80 -2.47
CA ASN A 78 -1.96 10.17 -1.99
C ASN A 78 -3.00 10.49 -0.94
N VAL A 79 -4.15 9.80 -0.99
CA VAL A 79 -5.21 10.15 -0.08
C VAL A 79 -4.73 9.69 1.29
N VAL A 80 -4.49 8.37 1.40
CA VAL A 80 -4.20 7.69 2.64
C VAL A 80 -2.89 8.27 3.14
N GLY A 81 -2.04 8.70 2.20
CA GLY A 81 -0.76 9.30 2.50
C GLY A 81 -0.87 10.53 3.40
N GLY A 82 -1.68 11.50 3.02
CA GLY A 82 -1.81 12.69 3.86
C GLY A 82 -2.47 12.37 5.20
N GLN A 83 -3.19 11.25 5.25
CA GLN A 83 -3.89 10.97 6.47
C GLN A 83 -2.86 10.53 7.50
N ARG A 84 -2.10 9.48 7.12
CA ARG A 84 -0.96 8.95 7.83
C ARG A 84 0.01 10.03 8.27
N ALA A 85 0.25 11.04 7.42
CA ALA A 85 1.01 12.20 7.86
C ALA A 85 0.35 12.80 9.09
N ALA A 86 -0.92 13.25 8.96
CA ALA A 86 -1.57 13.99 10.04
C ALA A 86 -1.64 13.12 11.30
N TRP A 87 -1.86 11.84 11.07
CA TRP A 87 -1.91 10.96 12.20
C TRP A 87 -0.61 11.13 12.96
N ARG A 88 0.51 11.06 12.23
CA ARG A 88 1.81 11.06 12.89
C ARG A 88 2.05 12.40 13.58
N VAL A 89 1.80 13.50 12.87
CA VAL A 89 1.92 14.80 13.54
C VAL A 89 1.19 14.74 14.87
N LEU A 90 -0.02 14.17 14.86
CA LEU A 90 -0.89 14.26 16.02
C LEU A 90 -0.45 13.31 17.14
N SER A 91 -0.08 12.05 16.82
CA SER A 91 0.33 11.12 17.86
C SER A 91 1.54 11.71 18.56
N SER A 92 2.38 12.41 17.77
CA SER A 92 3.58 13.01 18.31
C SER A 92 3.22 14.07 19.34
N ILE A 93 2.20 14.88 19.03
CA ILE A 93 1.82 15.94 19.96
C ILE A 93 1.18 15.31 21.20
N GLU A 94 0.71 14.08 21.03
CA GLU A 94 0.01 13.28 22.08
C GLU A 94 1.03 12.45 22.84
N GLN A 95 2.30 12.67 22.54
CA GLN A 95 3.43 11.98 23.22
C GLN A 95 3.94 13.02 24.21
N LYS A 96 4.30 14.17 23.65
CA LYS A 96 4.76 15.35 24.41
C LYS A 96 3.61 15.87 25.25
N SER A 97 2.45 15.20 25.19
CA SER A 97 1.28 15.58 26.01
C SER A 97 1.15 14.58 27.15
N ASN A 98 2.28 13.94 27.49
CA ASN A 98 2.34 12.95 28.59
C ASN A 98 3.47 13.39 29.54
N GLU A 99 3.60 14.72 29.69
CA GLU A 99 4.55 15.39 30.57
C GLU A 99 4.29 16.90 30.55
N LYS A 105 -4.22 17.16 30.59
CA LYS A 105 -3.85 18.46 29.97
C LYS A 105 -4.95 18.90 29.00
N GLY A 106 -6.01 18.08 28.87
CA GLY A 106 -7.07 18.29 27.91
C GLY A 106 -7.25 17.10 26.96
N PRO A 107 -8.49 16.72 26.59
CA PRO A 107 -8.71 15.64 25.63
C PRO A 107 -8.64 16.05 24.16
N GLU A 108 -8.47 17.36 23.88
CA GLU A 108 -8.68 17.91 22.54
C GLU A 108 -7.85 17.16 21.52
N VAL A 109 -6.63 16.79 21.88
CA VAL A 109 -5.69 16.24 20.91
C VAL A 109 -5.96 14.75 20.71
N ARG A 110 -6.20 13.98 21.77
CA ARG A 110 -6.68 12.61 21.60
C ARG A 110 -7.95 12.56 20.73
N GLU A 111 -8.92 13.44 21.03
CA GLU A 111 -10.17 13.46 20.29
C GLU A 111 -9.89 13.64 18.81
N TYR A 112 -9.12 14.69 18.48
CA TYR A 112 -8.87 14.97 17.08
C TYR A 112 -8.04 13.86 16.45
N ARG A 113 -7.03 13.39 17.19
CA ARG A 113 -6.26 12.27 16.68
C ARG A 113 -7.22 11.17 16.28
N GLU A 114 -8.13 10.76 17.18
CA GLU A 114 -9.07 9.70 16.86
C GLU A 114 -9.87 10.03 15.58
N LYS A 115 -10.28 11.30 15.40
CA LYS A 115 -11.03 11.67 14.22
C LYS A 115 -10.26 11.22 12.98
N VAL A 116 -8.98 11.62 12.91
CA VAL A 116 -8.20 11.41 11.71
C VAL A 116 -7.98 9.91 11.55
N GLU A 117 -7.62 9.24 12.66
CA GLU A 117 -7.52 7.79 12.72
C GLU A 117 -8.78 7.15 12.11
N THR A 118 -9.95 7.77 12.32
CA THR A 118 -11.12 7.07 11.84
C THR A 118 -11.31 7.28 10.34
N GLU A 119 -11.05 8.49 9.83
CA GLU A 119 -11.09 8.69 8.38
C GLU A 119 -10.19 7.69 7.68
N LEU A 120 -9.01 7.47 8.25
CA LEU A 120 -7.98 6.69 7.59
C LEU A 120 -8.44 5.25 7.45
N GLN A 121 -8.81 4.64 8.58
CA GLN A 121 -9.41 3.32 8.59
C GLN A 121 -10.48 3.26 7.52
N GLY A 122 -11.21 4.36 7.35
CA GLY A 122 -12.27 4.42 6.37
C GLY A 122 -11.76 4.09 4.98
N VAL A 123 -10.87 4.96 4.49
CA VAL A 123 -10.22 4.80 3.21
C VAL A 123 -9.57 3.43 3.06
N CYS A 124 -8.88 2.97 4.09
CA CYS A 124 -8.27 1.65 4.02
C CYS A 124 -9.31 0.57 3.78
N ASP A 125 -10.32 0.54 4.66
CA ASP A 125 -11.44 -0.36 4.51
C ASP A 125 -12.12 -0.24 3.14
N THR A 126 -12.12 0.96 2.51
CA THR A 126 -12.66 1.08 1.16
C THR A 126 -11.77 0.38 0.14
N VAL A 127 -10.47 0.70 0.14
CA VAL A 127 -9.56 0.16 -0.85
C VAL A 127 -9.51 -1.36 -0.72
N LEU A 128 -9.66 -1.83 0.53
CA LEU A 128 -9.59 -3.24 0.84
C LEU A 128 -10.83 -3.95 0.35
N GLY A 129 -11.95 -3.21 0.22
CA GLY A 129 -13.14 -3.76 -0.39
C GLY A 129 -12.98 -3.91 -1.90
N LEU A 130 -12.36 -2.91 -2.54
CA LEU A 130 -12.14 -3.04 -3.97
C LEU A 130 -11.34 -4.30 -4.28
N LEU A 131 -10.33 -4.60 -3.46
CA LEU A 131 -9.43 -5.68 -3.83
C LEU A 131 -10.20 -6.97 -3.59
N ASP A 132 -10.86 -7.05 -2.44
CA ASP A 132 -11.53 -8.31 -2.13
C ASP A 132 -12.70 -8.54 -3.08
N SER A 133 -13.25 -7.46 -3.64
CA SER A 133 -14.53 -7.59 -4.30
C SER A 133 -14.38 -7.66 -5.82
N HIS A 134 -13.39 -6.97 -6.38
CA HIS A 134 -13.28 -6.92 -7.82
C HIS A 134 -11.90 -7.38 -8.25
N LEU A 135 -10.88 -6.64 -7.83
CA LEU A 135 -9.55 -6.69 -8.42
C LEU A 135 -8.87 -8.05 -8.32
N ILE A 136 -8.86 -8.66 -7.13
CA ILE A 136 -8.20 -9.94 -6.95
C ILE A 136 -9.19 -11.01 -7.39
N LYS A 137 -8.87 -11.68 -8.48
CA LYS A 137 -9.38 -13.03 -8.66
C LYS A 137 -8.18 -13.96 -8.89
N GLU A 138 -8.40 -15.26 -8.63
CA GLU A 138 -7.35 -16.30 -8.82
C GLU A 138 -7.32 -16.66 -10.30
N ALA A 139 -7.35 -15.64 -11.16
CA ALA A 139 -7.33 -15.84 -12.62
C ALA A 139 -6.97 -14.50 -13.28
N GLY A 140 -5.71 -14.35 -13.68
CA GLY A 140 -5.28 -13.08 -14.29
C GLY A 140 -3.84 -13.15 -14.77
N ASP A 141 -3.41 -12.10 -15.44
CA ASP A 141 -2.04 -12.02 -16.04
C ASP A 141 -0.99 -12.44 -15.02
N ALA A 142 -1.34 -12.52 -13.74
CA ALA A 142 -0.48 -12.89 -12.59
C ALA A 142 0.61 -11.89 -12.19
N GLU A 143 1.35 -11.32 -13.13
CA GLU A 143 2.29 -10.20 -12.89
C GLU A 143 1.53 -9.03 -12.25
N SER A 144 0.20 -9.10 -12.20
CA SER A 144 -0.55 -8.05 -11.55
C SER A 144 -1.39 -8.56 -10.38
N ARG A 145 -1.75 -9.87 -10.41
CA ARG A 145 -2.22 -10.63 -9.26
C ARG A 145 -1.37 -10.24 -8.05
N VAL A 146 -0.10 -9.95 -8.33
CA VAL A 146 0.92 -9.55 -7.38
C VAL A 146 0.58 -8.13 -6.94
N PHE A 147 0.62 -7.22 -7.91
CA PHE A 147 0.32 -5.81 -7.71
C PHE A 147 -0.83 -5.62 -6.70
N TYR A 148 -1.87 -6.47 -6.80
CA TYR A 148 -3.01 -6.38 -5.91
C TYR A 148 -2.69 -6.98 -4.55
N LEU A 149 -2.34 -8.27 -4.51
CA LEU A 149 -1.90 -8.84 -3.25
C LEU A 149 -0.95 -7.91 -2.50
N LYS A 150 -0.01 -7.27 -3.21
CA LYS A 150 0.89 -6.33 -2.55
C LYS A 150 0.10 -5.19 -1.92
N MET A 151 -0.78 -4.58 -2.74
CA MET A 151 -1.62 -3.46 -2.36
C MET A 151 -2.44 -3.85 -1.14
N LYS A 152 -2.97 -5.07 -1.12
CA LYS A 152 -3.70 -5.60 0.02
C LYS A 152 -2.82 -5.59 1.26
N GLY A 153 -1.58 -6.01 1.11
CA GLY A 153 -0.67 -6.03 2.27
C GLY A 153 -0.38 -4.63 2.76
N ASP A 154 -0.22 -3.67 1.86
CA ASP A 154 0.13 -2.29 2.29
C ASP A 154 -1.04 -1.65 3.02
N TYR A 155 -2.25 -1.76 2.48
CA TYR A 155 -3.41 -1.14 3.16
C TYR A 155 -3.65 -1.84 4.49
N TYR A 156 -3.49 -3.15 4.54
CA TYR A 156 -3.64 -3.85 5.84
C TYR A 156 -2.52 -3.37 6.77
N ARG A 157 -1.37 -3.02 6.21
CA ARG A 157 -0.25 -2.55 7.02
C ARG A 157 -0.60 -1.18 7.58
N TYR A 158 -1.37 -0.41 6.83
CA TYR A 158 -1.61 0.98 7.23
C TYR A 158 -2.61 1.00 8.38
N LEU A 159 -3.55 0.04 8.34
CA LEU A 159 -4.41 -0.23 9.46
C LEU A 159 -3.56 -0.70 10.65
N ALA A 160 -2.51 -1.47 10.40
CA ALA A 160 -1.78 -1.99 11.54
C ALA A 160 -1.05 -0.86 12.25
N GLU A 161 -0.61 0.14 11.48
CA GLU A 161 0.15 1.24 12.07
C GLU A 161 -0.67 1.98 13.14
N VAL A 162 -1.99 1.74 13.24
CA VAL A 162 -2.81 2.57 14.11
C VAL A 162 -3.68 1.75 15.05
N ALA A 163 -3.80 0.43 14.80
CA ALA A 163 -4.63 -0.49 15.57
C ALA A 163 -4.00 -0.87 16.90
N THR A 164 -4.84 -1.38 17.80
CA THR A 164 -4.38 -1.95 19.05
C THR A 164 -5.02 -3.33 19.22
N GLY A 165 -4.78 -3.96 20.38
CA GLY A 165 -5.48 -5.17 20.78
C GLY A 165 -5.45 -6.31 19.75
N ASP A 166 -6.54 -7.09 19.79
CA ASP A 166 -6.66 -8.26 18.94
C ASP A 166 -6.92 -7.84 17.52
N ASP A 167 -7.54 -6.65 17.39
CA ASP A 167 -7.64 -5.99 16.11
C ASP A 167 -6.23 -5.96 15.52
N LYS A 168 -5.27 -5.43 16.29
CA LYS A 168 -3.93 -5.31 15.72
C LYS A 168 -3.48 -6.72 15.35
N LYS A 169 -3.83 -7.71 16.18
CA LYS A 169 -3.41 -9.09 15.97
C LYS A 169 -3.86 -9.57 14.58
N ARG A 170 -5.17 -9.61 14.35
CA ARG A 170 -5.77 -10.18 13.15
C ARG A 170 -5.25 -9.46 11.90
N ILE A 171 -5.11 -8.13 12.01
CA ILE A 171 -4.71 -7.33 10.87
C ILE A 171 -3.31 -7.74 10.46
N ILE A 172 -2.50 -8.05 11.49
CA ILE A 172 -1.15 -8.46 11.17
C ILE A 172 -1.18 -9.79 10.40
N ASP A 173 -2.03 -10.74 10.82
CA ASP A 173 -2.06 -12.04 10.15
C ASP A 173 -2.34 -11.79 8.67
N SER A 174 -3.24 -10.82 8.45
CA SER A 174 -3.79 -10.54 7.14
C SER A 174 -2.74 -9.90 6.23
N ALA A 175 -1.96 -8.97 6.77
CA ALA A 175 -0.92 -8.37 5.91
C ALA A 175 0.11 -9.44 5.60
N ARG A 176 0.21 -10.44 6.47
CA ARG A 176 1.18 -11.54 6.26
C ARG A 176 0.69 -12.43 5.13
N SER A 177 -0.49 -13.05 5.32
CA SER A 177 -1.12 -13.88 4.29
C SER A 177 -0.94 -13.30 2.88
N ALA A 178 -1.20 -11.99 2.73
CA ALA A 178 -1.27 -11.37 1.42
C ALA A 178 0.14 -11.23 0.89
N TYR A 179 0.94 -10.43 1.61
CA TYR A 179 2.33 -10.17 1.25
C TYR A 179 3.07 -11.46 0.90
N GLN A 180 2.67 -12.56 1.55
CA GLN A 180 3.37 -13.85 1.32
C GLN A 180 2.89 -14.45 0.00
N GLU A 181 1.59 -14.55 -0.18
CA GLU A 181 1.06 -15.12 -1.43
C GLU A 181 1.62 -14.28 -2.57
N ALA A 182 1.96 -13.03 -2.29
CA ALA A 182 2.52 -12.13 -3.31
C ALA A 182 4.01 -12.44 -3.43
N MET A 183 4.60 -13.10 -2.43
CA MET A 183 6.02 -13.36 -2.60
C MET A 183 6.20 -14.56 -3.52
N ASP A 184 5.46 -15.63 -3.22
CA ASP A 184 5.43 -16.87 -3.97
C ASP A 184 5.28 -16.56 -5.46
N ILE A 185 4.19 -15.87 -5.80
CA ILE A 185 3.94 -15.47 -7.18
C ILE A 185 5.13 -14.66 -7.73
N SER A 186 5.69 -13.72 -6.96
CA SER A 186 6.74 -12.85 -7.49
C SER A 186 8.05 -13.60 -7.69
N LYS A 187 8.27 -14.63 -6.90
CA LYS A 187 9.52 -15.40 -7.07
C LYS A 187 9.33 -16.26 -8.31
N LYS A 188 8.31 -17.11 -8.27
CA LYS A 188 7.99 -18.05 -9.36
C LYS A 188 8.01 -17.37 -10.73
N GLU A 189 7.26 -16.30 -10.92
CA GLU A 189 7.16 -15.75 -12.30
C GLU A 189 7.64 -14.30 -12.44
N MET A 190 8.67 -13.88 -11.72
CA MET A 190 9.09 -12.48 -11.96
C MET A 190 10.61 -12.38 -11.84
N PRO A 191 11.27 -11.71 -12.79
CA PRO A 191 12.71 -11.53 -12.73
C PRO A 191 12.97 -10.57 -11.58
N PRO A 192 14.07 -10.73 -10.81
CA PRO A 192 14.38 -9.85 -9.68
C PRO A 192 14.87 -8.43 -9.95
N THR A 193 14.22 -7.70 -10.86
CA THR A 193 14.53 -6.30 -11.21
C THR A 193 13.16 -5.65 -11.37
N ASN A 194 12.16 -6.51 -11.61
CA ASN A 194 10.73 -6.13 -11.72
C ASN A 194 10.42 -5.16 -10.58
N PRO A 195 10.27 -3.85 -10.86
CA PRO A 195 10.02 -2.84 -9.83
C PRO A 195 8.84 -3.28 -8.96
N ILE A 196 8.09 -4.26 -9.46
CA ILE A 196 7.04 -4.82 -8.64
C ILE A 196 7.70 -5.68 -7.56
N ARG A 197 8.41 -6.76 -7.96
CA ARG A 197 9.06 -7.66 -7.03
C ARG A 197 9.93 -6.87 -6.04
N LEU A 198 10.68 -5.87 -6.55
CA LEU A 198 11.51 -5.02 -5.69
C LEU A 198 10.66 -4.34 -4.61
N GLY A 199 9.87 -3.34 -5.01
CA GLY A 199 8.87 -2.69 -4.17
C GLY A 199 8.16 -3.67 -3.22
N LEU A 200 7.62 -4.78 -3.74
CA LEU A 200 6.93 -5.71 -2.88
C LEU A 200 7.88 -6.10 -1.74
N ALA A 201 9.01 -6.74 -2.07
CA ALA A 201 9.91 -7.23 -1.05
C ALA A 201 10.25 -6.10 -0.08
N LEU A 202 10.61 -4.94 -0.64
CA LEU A 202 10.85 -3.77 0.18
C LEU A 202 9.75 -3.63 1.23
N ASN A 203 8.51 -3.55 0.76
CA ASN A 203 7.38 -3.32 1.64
C ASN A 203 7.33 -4.42 2.69
N PHE A 204 7.22 -5.66 2.22
CA PHE A 204 7.11 -6.85 3.09
C PHE A 204 8.15 -6.83 4.19
N SER A 205 9.31 -6.23 3.91
CA SER A 205 10.38 -6.25 4.87
C SER A 205 10.17 -5.12 5.90
N VAL A 206 9.86 -3.90 5.43
CA VAL A 206 9.47 -2.79 6.29
C VAL A 206 8.38 -3.25 7.27
N PHE A 207 7.44 -4.05 6.77
CA PHE A 207 6.43 -4.66 7.60
C PHE A 207 7.06 -5.54 8.66
N HIS A 208 8.06 -6.35 8.28
CA HIS A 208 8.74 -7.29 9.16
C HIS A 208 9.40 -6.55 10.33
N TYR A 209 10.00 -5.40 10.04
CA TYR A 209 10.70 -4.62 11.03
C TYR A 209 9.69 -3.79 11.81
N GLU A 210 8.98 -2.87 11.12
CA GLU A 210 8.15 -1.80 11.68
C GLU A 210 6.84 -2.27 12.36
N ILE A 211 6.36 -3.49 12.10
CA ILE A 211 4.98 -3.84 12.40
C ILE A 211 4.96 -5.16 13.17
N ALA A 212 5.53 -6.19 12.56
CA ALA A 212 5.54 -7.55 13.15
C ALA A 212 6.68 -7.75 14.15
N ASN A 213 7.52 -6.74 14.35
CA ASN A 213 8.62 -6.80 15.36
C ASN A 213 9.44 -8.08 15.20
N SER A 214 10.00 -8.27 14.00
CA SER A 214 10.81 -9.45 13.62
C SER A 214 11.95 -8.97 12.72
N PRO A 215 12.99 -8.27 13.24
CA PRO A 215 14.10 -7.78 12.42
C PRO A 215 15.00 -8.87 11.82
N GLU A 216 14.95 -10.08 12.36
CA GLU A 216 15.70 -11.20 11.74
C GLU A 216 15.09 -11.41 10.36
N GLU A 217 13.83 -11.84 10.32
CA GLU A 217 13.14 -12.04 9.04
C GLU A 217 13.26 -10.81 8.13
N ALA A 218 13.29 -9.60 8.72
CA ALA A 218 13.39 -8.34 7.98
C ALA A 218 14.75 -8.21 7.29
N ILE A 219 15.82 -8.33 8.06
CA ILE A 219 17.22 -8.16 7.54
C ILE A 219 17.48 -9.21 6.46
N SER A 220 17.13 -10.47 6.73
CA SER A 220 17.35 -11.58 5.77
C SER A 220 16.87 -11.21 4.37
N LEU A 221 15.56 -10.98 4.27
CA LEU A 221 14.86 -10.67 2.99
C LEU A 221 15.43 -9.38 2.40
N ALA A 222 15.67 -8.37 3.23
CA ALA A 222 16.21 -7.10 2.71
C ALA A 222 17.55 -7.37 2.03
N LYS A 223 18.40 -8.18 2.67
CA LYS A 223 19.70 -8.59 2.10
C LYS A 223 19.44 -9.37 0.82
N THR A 224 18.94 -10.60 0.95
CA THR A 224 18.65 -11.57 -0.15
C THR A 224 18.19 -10.86 -1.42
N THR A 225 17.09 -10.13 -1.30
CA THR A 225 16.48 -9.40 -2.42
C THR A 225 17.50 -8.48 -3.09
N PHE A 226 18.09 -7.55 -2.34
CA PHE A 226 19.02 -6.59 -2.92
C PHE A 226 20.25 -7.32 -3.47
N ASP A 227 20.51 -8.54 -2.97
CA ASP A 227 21.51 -9.42 -3.54
C ASP A 227 21.14 -9.73 -4.98
N GLU A 228 20.08 -10.55 -5.13
CA GLU A 228 19.75 -11.20 -6.38
C GLU A 228 19.35 -10.17 -7.44
N ALA A 229 19.39 -8.89 -7.05
CA ALA A 229 19.08 -7.78 -7.94
C ALA A 229 20.37 -7.09 -8.35
N MET A 230 21.25 -6.91 -7.36
CA MET A 230 22.56 -6.32 -7.70
C MET A 230 23.22 -7.27 -8.71
N ALA A 231 22.77 -8.53 -8.67
CA ALA A 231 23.29 -9.57 -9.58
C ALA A 231 22.98 -9.20 -11.02
N ASP A 232 21.70 -9.26 -11.40
CA ASP A 232 21.29 -9.02 -12.80
C ASP A 232 21.16 -7.54 -13.15
N LEU A 233 21.71 -6.64 -12.35
CA LEU A 233 21.64 -5.22 -12.66
C LEU A 233 22.11 -4.90 -14.09
N HIS A 234 22.71 -5.88 -14.79
CA HIS A 234 23.25 -5.60 -16.12
C HIS A 234 22.14 -5.35 -17.15
N THR A 235 20.89 -5.75 -16.85
CA THR A 235 19.77 -5.66 -17.79
C THR A 235 19.02 -4.32 -17.63
N LYS A 242 16.65 0.47 -15.19
CA LYS A 242 17.60 1.40 -14.53
C LYS A 242 16.81 2.44 -13.73
N ASP A 243 15.74 1.96 -13.09
CA ASP A 243 14.74 2.78 -12.41
C ASP A 243 14.28 2.01 -11.17
N SER A 244 14.48 0.68 -11.22
CA SER A 244 14.40 -0.24 -10.10
C SER A 244 15.53 0.07 -9.11
N THR A 245 16.53 0.80 -9.61
CA THR A 245 17.67 1.21 -8.82
C THR A 245 17.22 2.15 -7.70
N LEU A 246 16.16 2.92 -7.94
CA LEU A 246 15.60 3.81 -6.93
C LEU A 246 15.05 2.99 -5.76
N ILE A 247 14.37 1.88 -6.07
CA ILE A 247 13.90 0.95 -5.03
C ILE A 247 15.10 0.41 -4.26
N MET A 248 16.16 0.08 -5.01
CA MET A 248 17.38 -0.51 -4.48
C MET A 248 18.10 0.51 -3.60
N GLN A 249 18.04 1.79 -3.98
CA GLN A 249 18.59 2.84 -3.13
C GLN A 249 17.94 2.74 -1.75
N LEU A 250 16.59 2.82 -1.72
CA LEU A 250 15.81 2.63 -0.51
C LEU A 250 16.12 1.27 0.14
N LEU A 251 15.98 0.18 -0.62
CA LEU A 251 16.12 -1.18 -0.10
C LEU A 251 17.36 -1.33 0.78
N ARG A 252 18.45 -0.65 0.42
CA ARG A 252 19.68 -0.65 1.21
C ARG A 252 19.59 0.43 2.29
N ASP A 253 19.11 1.62 1.90
CA ASP A 253 18.90 2.77 2.77
C ASP A 253 18.32 2.34 4.12
N ASN A 254 17.51 1.29 4.06
CA ASN A 254 16.77 0.73 5.23
C ASN A 254 17.72 -0.11 6.08
N LEU A 255 18.66 -0.81 5.44
CA LEU A 255 19.60 -1.69 6.18
C LEU A 255 20.52 -0.85 7.07
N THR A 256 20.84 0.37 6.62
CA THR A 256 21.61 1.35 7.40
C THR A 256 21.05 1.37 8.83
N LEU A 257 19.78 1.75 8.97
CA LEU A 257 19.20 1.88 10.32
C LEU A 257 18.96 0.50 10.92
N TRP A 258 18.50 -0.46 10.10
CA TRP A 258 18.19 -1.77 10.66
C TRP A 258 19.41 -2.40 11.33
N THR A 259 20.61 -2.11 10.77
CA THR A 259 21.90 -2.53 11.29
C THR A 259 22.85 -1.33 11.37
#